data_6XOP
#
_entry.id   6XOP
#
_cell.length_a   33.868
_cell.length_b   86.702
_cell.length_c   126.234
_cell.angle_alpha   90.000
_cell.angle_beta   90.000
_cell.angle_gamma   90.000
#
_symmetry.space_group_name_H-M   'P 21 21 21'
#
loop_
_entity.id
_entity.type
_entity.pdbx_description
1 polymer 'Lysozyme, DCN1-like protein 1 chimera'
2 non-polymer N-[(1S)-1-cyclohexyl-2-{[(2S)-3-(1H-imidazol-1-yl)-2-methylpropanoyl]amino}ethyl]-N~2~-propanoyl-3-[6-(propan-2-yl)-1,3-benzothiazol-2-yl]-L-alaninamide
3 water water
#
_entity_poly.entity_id   1
_entity_poly.type   'polypeptide(L)'
_entity_poly.pdbx_seq_one_letter_code
;MHHHHHHSSGVDLGTENLYFQSNAMNIFEMLRIDEGLRLKIYKDTEGYYTIGIGHLLTKSPSLNAAKSELDKAIGRNTNG
VITKDEAEKLFNQDVDAAVRGILRNAKLKPVYDSLDAVRRAALINMVFQMGETGVAGFTNSLRMLQQKRWAEAAVNLAKS
RWYNQTPNRTKRVITTFATGTWDAYKNLRKKLEQLYNRYKDPQDENKIGIDGIQQFCDDLALDPASISVLIIAWKFRAAT
QCEFSKQEFMDGMTELGCDSIEKLKAQIPKMEQELKEPGRFKDFYQFTFNFAKNPGQKGLDLEMAIAYWNLVLNGRFKFL
DLWNKFLLEHHKRSIPKDTWNLLLDFSTMIADDMSNYDEEGAWPVLIDDFVEFARPQIAGTKSTTV
;
_entity_poly.pdbx_strand_id   A
#
loop_
_chem_comp.id
_chem_comp.type
_chem_comp.name
_chem_comp.formula
H9P non-polymer N-[(1S)-1-cyclohexyl-2-{[(2S)-3-(1H-imidazol-1-yl)-2-methylpropanoyl]amino}ethyl]-N~2~-propanoyl-3-[6-(propan-2-yl)-1,3-benzothiazol-2-yl]-L-alaninamide 'C31 H44 N6 O3 S'
#
# COMPACT_ATOMS: atom_id res chain seq x y z
N LEU A 18 14.43 28.18 11.23
CA LEU A 18 14.37 27.31 10.05
C LEU A 18 13.34 27.78 9.02
N TYR A 19 12.42 28.67 9.43
CA TYR A 19 11.36 29.22 8.58
C TYR A 19 11.89 30.01 7.36
N PHE A 20 13.11 30.58 7.48
CA PHE A 20 13.84 31.33 6.44
C PHE A 20 14.31 30.43 5.29
N GLN A 21 14.53 29.13 5.57
CA GLN A 21 14.98 28.12 4.60
C GLN A 21 13.86 27.78 3.61
N ALA A 24 9.56 24.05 0.87
CA ALA A 24 9.01 23.02 1.76
C ALA A 24 7.59 22.55 1.36
N MET A 25 6.78 23.43 0.72
CA MET A 25 5.40 23.17 0.29
C MET A 25 5.27 22.10 -0.78
N ASN A 26 6.00 22.28 -1.90
CA ASN A 26 5.99 21.38 -3.04
C ASN A 26 6.68 20.04 -2.77
N ILE A 27 7.83 20.05 -2.07
CA ILE A 27 8.63 18.86 -1.77
C ILE A 27 7.81 17.82 -0.96
N PHE A 28 6.98 18.25 0.03
CA PHE A 28 6.16 17.33 0.80
C PHE A 28 5.15 16.59 -0.09
N GLU A 29 4.44 17.32 -0.96
CA GLU A 29 3.47 16.69 -1.86
C GLU A 29 4.15 15.86 -2.96
N MET A 30 5.36 16.28 -3.39
CA MET A 30 6.15 15.54 -4.39
C MET A 30 6.54 14.16 -3.82
N LEU A 31 7.04 14.11 -2.56
CA LEU A 31 7.43 12.83 -1.98
C LEU A 31 6.27 12.03 -1.41
N ARG A 32 5.13 12.68 -1.12
CA ARG A 32 3.91 11.98 -0.69
C ARG A 32 3.43 11.13 -1.87
N ILE A 33 3.57 11.67 -3.09
CA ILE A 33 3.23 10.99 -4.34
C ILE A 33 4.20 9.87 -4.68
N ASP A 34 5.51 10.16 -4.68
CA ASP A 34 6.54 9.19 -5.07
C ASP A 34 6.81 8.05 -4.09
N GLU A 35 6.84 8.36 -2.79
CA GLU A 35 7.18 7.39 -1.75
C GLU A 35 5.98 6.90 -0.98
N GLY A 36 4.98 7.77 -0.84
CA GLY A 36 3.77 7.46 -0.09
C GLY A 36 3.84 7.94 1.34
N LEU A 37 2.67 8.16 1.93
CA LEU A 37 2.55 8.62 3.30
C LEU A 37 1.82 7.56 4.15
N ARG A 38 2.47 7.09 5.24
CA ARG A 38 1.88 6.10 6.15
C ARG A 38 1.65 6.74 7.53
N LEU A 39 0.39 6.75 8.00
CA LEU A 39 0.04 7.37 9.28
C LEU A 39 0.20 6.43 10.49
N LYS A 40 0.53 5.14 10.25
CA LYS A 40 0.75 4.14 11.31
C LYS A 40 2.14 3.52 11.21
N ILE A 41 2.79 3.22 12.37
CA ILE A 41 4.13 2.59 12.44
C ILE A 41 4.17 1.32 11.57
N TYR A 42 5.14 1.26 10.63
CA TYR A 42 5.34 0.12 9.73
C TYR A 42 6.80 -0.35 9.70
N LYS A 43 7.07 -1.46 8.97
CA LYS A 43 8.39 -2.05 8.84
C LYS A 43 8.97 -1.85 7.45
N ASP A 44 10.28 -1.53 7.39
CA ASP A 44 11.05 -1.31 6.16
C ASP A 44 11.20 -2.61 5.36
N TYR A 48 13.06 -2.40 10.14
CA TYR A 48 13.16 -1.05 10.69
C TYR A 48 11.80 -0.33 10.83
N TYR A 49 11.57 0.26 12.02
CA TYR A 49 10.36 0.99 12.42
C TYR A 49 10.28 2.36 11.74
N THR A 50 9.31 2.50 10.83
CA THR A 50 9.11 3.70 10.02
C THR A 50 7.67 4.25 10.13
N ILE A 51 7.49 5.56 9.86
CA ILE A 51 6.21 6.28 9.86
C ILE A 51 6.33 7.47 8.90
N GLY A 52 5.20 8.00 8.45
CA GLY A 52 5.14 9.14 7.54
C GLY A 52 5.68 8.82 6.16
N ILE A 53 6.54 9.71 5.62
CA ILE A 53 7.20 9.51 4.32
C ILE A 53 8.61 9.04 4.63
N GLY A 54 8.73 7.74 4.89
CA GLY A 54 9.99 7.07 5.17
C GLY A 54 10.79 7.55 6.38
N HIS A 55 10.11 8.12 7.40
CA HIS A 55 10.81 8.58 8.59
C HIS A 55 11.22 7.43 9.53
N LEU A 56 12.53 7.22 9.71
CA LEU A 56 13.05 6.19 10.61
C LEU A 56 12.89 6.63 12.06
N LEU A 57 12.32 5.75 12.88
CA LEU A 57 12.13 6.03 14.30
C LEU A 57 13.27 5.54 15.16
N THR A 58 13.76 4.30 14.91
CA THR A 58 14.85 3.68 15.67
C THR A 58 15.48 2.50 14.89
N LYS A 59 16.70 2.12 15.30
CA LYS A 59 17.44 0.98 14.74
C LYS A 59 17.20 -0.23 15.65
N SER A 60 16.55 0.02 16.81
CA SER A 60 16.19 -0.97 17.82
C SER A 60 15.07 -1.85 17.27
N PRO A 61 15.04 -3.17 17.58
CA PRO A 61 13.95 -4.02 17.04
C PRO A 61 12.70 -3.98 17.94
N SER A 62 12.75 -3.20 19.03
CA SER A 62 11.69 -3.02 20.02
C SER A 62 10.67 -1.97 19.56
N LEU A 63 9.36 -2.37 19.54
CA LEU A 63 8.26 -1.46 19.18
C LEU A 63 8.12 -0.45 20.32
N ASN A 64 8.33 -0.89 21.57
CA ASN A 64 8.30 -0.04 22.74
C ASN A 64 9.33 1.11 22.59
N ALA A 65 10.51 0.82 22.00
CA ALA A 65 11.54 1.83 21.71
C ALA A 65 11.05 2.76 20.60
N ALA A 66 10.44 2.18 19.54
CA ALA A 66 9.93 2.90 18.38
C ALA A 66 8.81 3.88 18.72
N LYS A 67 7.88 3.45 19.58
CA LYS A 67 6.75 4.25 20.04
C LYS A 67 7.24 5.34 20.98
N SER A 68 8.28 5.04 21.77
CA SER A 68 8.93 5.96 22.69
C SER A 68 9.56 7.12 21.89
N GLU A 69 10.33 6.80 20.83
CA GLU A 69 10.98 7.78 19.97
C GLU A 69 9.92 8.66 19.28
N LEU A 70 8.86 8.02 18.75
CA LEU A 70 7.75 8.71 18.09
C LEU A 70 7.01 9.64 19.05
N ASP A 71 6.74 9.18 20.29
CA ASP A 71 6.05 9.99 21.31
C ASP A 71 6.87 11.19 21.73
N LYS A 72 8.21 11.00 21.83
CA LYS A 72 9.13 12.08 22.17
C LYS A 72 9.21 13.10 21.06
N ALA A 73 9.29 12.64 19.79
CA ALA A 73 9.35 13.49 18.59
C ALA A 73 8.07 14.33 18.39
N ILE A 74 6.90 13.73 18.65
CA ILE A 74 5.61 14.39 18.46
C ILE A 74 5.18 15.25 19.67
N GLY A 75 5.36 14.73 20.89
CA GLY A 75 4.98 15.47 22.10
C GLY A 75 3.64 15.05 22.69
N ARG A 76 3.19 13.84 22.33
CA ARG A 76 1.96 13.25 22.83
C ARG A 76 2.07 11.72 22.75
N ASN A 77 1.15 11.02 23.44
CA ASN A 77 1.04 9.56 23.44
C ASN A 77 0.28 9.22 22.15
N THR A 78 1.03 8.88 21.08
CA THR A 78 0.49 8.63 19.74
C THR A 78 0.02 7.19 19.55
N ASN A 79 0.57 6.24 20.34
CA ASN A 79 0.35 4.80 20.21
C ASN A 79 0.63 4.31 18.76
N GLY A 80 1.59 4.97 18.11
CA GLY A 80 1.99 4.66 16.75
C GLY A 80 1.09 5.17 15.64
N VAL A 81 0.13 6.08 15.95
CA VAL A 81 -0.76 6.68 14.94
C VAL A 81 -0.61 8.21 14.97
N ILE A 82 -0.41 8.83 13.80
CA ILE A 82 -0.21 10.28 13.71
C ILE A 82 -1.10 10.92 12.66
N THR A 83 -1.18 12.27 12.68
CA THR A 83 -1.93 13.03 11.69
C THR A 83 -0.99 13.34 10.53
N LYS A 84 -1.56 13.79 9.41
CA LYS A 84 -0.80 14.20 8.24
C LYS A 84 0.16 15.38 8.61
N ASP A 85 -0.30 16.33 9.44
CA ASP A 85 0.49 17.50 9.89
C ASP A 85 1.70 17.08 10.73
N GLU A 86 1.55 16.04 11.54
CA GLU A 86 2.63 15.50 12.36
C GLU A 86 3.67 14.84 11.45
N ALA A 87 3.19 14.12 10.41
CA ALA A 87 4.01 13.49 9.39
C ALA A 87 4.81 14.54 8.63
N GLU A 88 4.21 15.75 8.43
CA GLU A 88 4.85 16.89 7.78
C GLU A 88 5.97 17.51 8.62
N LYS A 89 5.76 17.61 9.95
CA LYS A 89 6.76 18.12 10.90
C LYS A 89 7.99 17.21 10.80
N LEU A 90 7.76 15.88 10.80
CA LEU A 90 8.82 14.89 10.68
C LEU A 90 9.51 14.96 9.34
N PHE A 91 8.74 15.10 8.26
CA PHE A 91 9.30 15.19 6.90
C PHE A 91 10.21 16.39 6.75
N ASN A 92 9.82 17.56 7.30
CA ASN A 92 10.65 18.76 7.21
C ASN A 92 12.00 18.56 7.88
N GLN A 93 12.04 17.81 9.00
CA GLN A 93 13.28 17.49 9.70
C GLN A 93 14.19 16.65 8.79
N ASP A 94 13.61 15.66 8.09
CA ASP A 94 14.35 14.77 7.17
C ASP A 94 14.87 15.50 5.95
N VAL A 95 14.10 16.52 5.45
CA VAL A 95 14.53 17.36 4.32
C VAL A 95 15.76 18.14 4.76
N ASP A 96 15.68 18.84 5.91
CA ASP A 96 16.80 19.62 6.47
C ASP A 96 18.05 18.76 6.70
N ALA A 97 17.89 17.49 7.18
CA ALA A 97 19.00 16.55 7.37
C ALA A 97 19.59 16.10 6.02
N ALA A 98 18.73 15.81 5.02
CA ALA A 98 19.13 15.40 3.67
C ALA A 98 19.99 16.51 3.04
N VAL A 99 19.55 17.79 3.15
CA VAL A 99 20.23 18.97 2.63
C VAL A 99 21.62 19.12 3.31
N ARG A 100 21.71 18.87 4.64
CA ARG A 100 23.01 18.92 5.32
C ARG A 100 23.95 17.85 4.74
N GLY A 101 23.47 16.61 4.59
CA GLY A 101 24.22 15.51 4.00
C GLY A 101 24.77 15.80 2.61
N ILE A 102 23.92 16.32 1.70
CA ILE A 102 24.27 16.69 0.31
C ILE A 102 25.39 17.74 0.30
N LEU A 103 25.29 18.76 1.17
CA LEU A 103 26.27 19.84 1.25
C LEU A 103 27.64 19.38 1.78
N ARG A 104 27.67 18.34 2.65
CA ARG A 104 28.94 17.79 3.14
C ARG A 104 29.54 16.82 2.11
N ASN A 105 28.79 16.47 1.06
CA ASN A 105 29.26 15.55 0.02
C ASN A 105 29.88 16.36 -1.09
N ALA A 106 31.20 16.14 -1.34
CA ALA A 106 32.03 16.80 -2.33
C ALA A 106 31.57 16.52 -3.75
N LYS A 107 30.89 15.39 -3.95
CA LYS A 107 30.37 14.97 -5.25
C LYS A 107 28.99 15.56 -5.51
N LEU A 108 28.20 15.84 -4.45
CA LEU A 108 26.83 16.36 -4.56
C LEU A 108 26.67 17.87 -4.36
N LYS A 109 27.47 18.49 -3.46
CA LYS A 109 27.38 19.93 -3.17
C LYS A 109 27.46 20.82 -4.42
N PRO A 110 28.46 20.68 -5.34
CA PRO A 110 28.49 21.57 -6.52
C PRO A 110 27.23 21.55 -7.37
N VAL A 111 26.68 20.34 -7.64
CA VAL A 111 25.46 20.17 -8.42
C VAL A 111 24.28 20.81 -7.68
N TYR A 112 24.13 20.50 -6.37
CA TYR A 112 23.06 21.07 -5.54
C TYR A 112 23.08 22.63 -5.54
N ASP A 113 24.25 23.22 -5.27
CA ASP A 113 24.45 24.69 -5.25
C ASP A 113 24.04 25.35 -6.58
N SER A 114 24.41 24.73 -7.72
CA SER A 114 24.15 25.25 -9.07
C SER A 114 22.67 25.22 -9.45
N LEU A 115 21.88 24.28 -8.86
CA LEU A 115 20.48 24.06 -9.19
C LEU A 115 19.49 25.06 -8.60
N ASP A 116 18.43 25.37 -9.36
CA ASP A 116 17.29 26.21 -8.96
C ASP A 116 16.45 25.42 -7.91
N ALA A 117 15.48 26.07 -7.23
CA ALA A 117 14.66 25.45 -6.17
C ALA A 117 13.92 24.18 -6.59
N VAL A 118 13.25 24.20 -7.76
CA VAL A 118 12.50 23.04 -8.26
C VAL A 118 13.44 21.83 -8.49
N ARG A 119 14.56 22.04 -9.18
CA ARG A 119 15.51 20.97 -9.48
C ARG A 119 16.21 20.46 -8.22
N ARG A 120 16.43 21.33 -7.19
CA ARG A 120 17.00 20.87 -5.90
C ARG A 120 16.05 19.86 -5.25
N ALA A 121 14.73 20.10 -5.33
CA ALA A 121 13.71 19.18 -4.83
C ALA A 121 13.80 17.81 -5.53
N ALA A 122 14.08 17.79 -6.87
CA ALA A 122 14.25 16.51 -7.59
C ALA A 122 15.50 15.76 -7.11
N LEU A 123 16.59 16.50 -6.78
CA LEU A 123 17.84 15.92 -6.28
C LEU A 123 17.66 15.30 -4.88
N ILE A 124 16.96 16.02 -3.96
CA ILE A 124 16.62 15.58 -2.59
C ILE A 124 15.75 14.33 -2.71
N ASN A 125 14.84 14.30 -3.72
CA ASN A 125 13.98 13.15 -4.01
C ASN A 125 14.84 11.89 -4.28
N MET A 126 15.89 12.02 -5.12
CA MET A 126 16.84 10.92 -5.43
C MET A 126 17.58 10.45 -4.16
N VAL A 127 18.05 11.41 -3.33
CA VAL A 127 18.74 11.14 -2.05
C VAL A 127 17.79 10.36 -1.10
N PHE A 128 16.51 10.77 -1.03
CA PHE A 128 15.49 10.08 -0.22
C PHE A 128 15.34 8.61 -0.68
N GLN A 129 15.34 8.38 -2.00
CA GLN A 129 15.20 7.06 -2.60
C GLN A 129 16.39 6.11 -2.42
N MET A 130 17.61 6.57 -2.73
CA MET A 130 18.78 5.70 -2.78
C MET A 130 19.99 6.13 -1.94
N GLY A 131 19.85 7.20 -1.18
CA GLY A 131 20.94 7.72 -0.36
C GLY A 131 21.98 8.46 -1.17
N GLU A 132 22.88 9.16 -0.47
CA GLU A 132 23.93 9.95 -1.08
C GLU A 132 24.81 9.14 -2.05
N THR A 133 25.28 7.95 -1.61
CA THR A 133 26.15 7.05 -2.39
C THR A 133 25.50 6.60 -3.69
N GLY A 134 24.19 6.34 -3.64
CA GLY A 134 23.40 5.95 -4.80
C GLY A 134 23.39 7.03 -5.87
N VAL A 135 23.11 8.27 -5.44
CA VAL A 135 23.07 9.47 -6.30
C VAL A 135 24.46 9.81 -6.83
N ALA A 136 25.48 9.83 -5.94
CA ALA A 136 26.87 10.13 -6.31
C ALA A 136 27.41 9.24 -7.43
N GLY A 137 26.79 8.07 -7.62
CA GLY A 137 27.13 7.11 -8.66
C GLY A 137 26.77 7.58 -10.06
N PHE A 138 25.82 8.55 -10.17
CA PHE A 138 25.35 9.15 -11.43
C PHE A 138 26.27 10.33 -11.88
N THR A 139 27.59 10.12 -11.82
CA THR A 139 28.65 11.09 -12.15
C THR A 139 28.40 11.90 -13.44
N ASN A 140 28.24 11.21 -14.59
CA ASN A 140 28.03 11.84 -15.91
C ASN A 140 26.77 12.67 -15.97
N SER A 141 25.65 12.13 -15.42
CA SER A 141 24.35 12.81 -15.36
C SER A 141 24.40 14.04 -14.45
N LEU A 142 25.02 13.93 -13.25
CA LEU A 142 25.18 15.04 -12.30
C LEU A 142 25.96 16.20 -12.92
N ARG A 143 27.01 15.88 -13.71
CA ARG A 143 27.82 16.88 -14.44
C ARG A 143 26.97 17.62 -15.46
N MET A 144 26.14 16.89 -16.25
CA MET A 144 25.24 17.48 -17.23
C MET A 144 24.27 18.45 -16.58
N LEU A 145 23.76 18.09 -15.38
CA LEU A 145 22.83 18.92 -14.60
C LEU A 145 23.50 20.21 -14.13
N GLN A 146 24.73 20.09 -13.60
CA GLN A 146 25.56 21.22 -13.14
C GLN A 146 25.81 22.18 -14.30
N GLN A 147 25.96 21.62 -15.50
CA GLN A 147 26.19 22.36 -16.74
C GLN A 147 24.90 22.88 -17.39
N LYS A 148 23.73 22.59 -16.79
CA LYS A 148 22.41 23.02 -17.28
C LYS A 148 22.12 22.45 -18.67
N ARG A 149 22.62 21.24 -18.93
CA ARG A 149 22.41 20.49 -20.18
C ARG A 149 21.23 19.57 -19.87
N TRP A 150 20.03 20.19 -19.71
CA TRP A 150 18.81 19.52 -19.27
C TRP A 150 18.37 18.35 -20.15
N ALA A 151 18.34 18.53 -21.48
CA ALA A 151 17.92 17.48 -22.42
C ALA A 151 18.87 16.28 -22.36
N GLU A 152 20.19 16.54 -22.39
CA GLU A 152 21.25 15.52 -22.35
C GLU A 152 21.22 14.74 -21.05
N ALA A 153 20.94 15.43 -19.92
CA ALA A 153 20.83 14.82 -18.61
C ALA A 153 19.58 13.94 -18.53
N ALA A 154 18.42 14.44 -19.03
CA ALA A 154 17.13 13.71 -19.01
C ALA A 154 17.21 12.37 -19.75
N VAL A 155 17.85 12.37 -20.94
CA VAL A 155 18.07 11.17 -21.77
C VAL A 155 19.05 10.22 -21.05
N ASN A 156 20.12 10.76 -20.45
CA ASN A 156 21.15 9.99 -19.73
C ASN A 156 20.63 9.29 -18.47
N LEU A 157 19.80 9.98 -17.66
CA LEU A 157 19.21 9.39 -16.43
C LEU A 157 18.20 8.26 -16.76
N ALA A 158 17.57 8.28 -17.96
CA ALA A 158 16.58 7.28 -18.38
C ALA A 158 17.19 5.91 -18.79
N LYS A 159 18.51 5.86 -19.03
CA LYS A 159 19.26 4.67 -19.42
C LYS A 159 19.66 3.79 -18.21
N SER A 160 19.53 4.33 -16.99
CA SER A 160 19.91 3.66 -15.75
C SER A 160 18.94 2.58 -15.28
N ARG A 161 19.38 1.79 -14.27
CA ARG A 161 18.58 0.75 -13.62
C ARG A 161 17.49 1.42 -12.78
N TRP A 162 17.75 2.66 -12.32
CA TRP A 162 16.85 3.52 -11.56
C TRP A 162 15.51 3.69 -12.31
N TYR A 163 15.57 3.80 -13.65
CA TYR A 163 14.42 3.93 -14.55
C TYR A 163 13.56 2.69 -14.61
N ASN A 164 14.16 1.49 -14.45
CA ASN A 164 13.43 0.22 -14.50
C ASN A 164 12.81 -0.13 -13.16
N GLN A 165 13.57 0.05 -12.05
CA GLN A 165 13.11 -0.30 -10.71
C GLN A 165 11.87 0.49 -10.28
N THR A 166 11.84 1.82 -10.59
CA THR A 166 10.70 2.68 -10.28
C THR A 166 10.38 3.52 -11.55
N PRO A 167 9.73 2.92 -12.59
CA PRO A 167 9.48 3.67 -13.83
C PRO A 167 8.62 4.92 -13.72
N ASN A 168 7.56 4.89 -12.89
CA ASN A 168 6.63 6.00 -12.74
C ASN A 168 7.27 7.14 -11.97
N ARG A 169 7.91 6.81 -10.82
CA ARG A 169 8.61 7.77 -9.98
C ARG A 169 9.76 8.43 -10.76
N THR A 170 10.65 7.61 -11.37
CA THR A 170 11.82 8.06 -12.13
C THR A 170 11.44 9.01 -13.28
N LYS A 171 10.44 8.66 -14.11
CA LYS A 171 9.99 9.52 -15.20
C LYS A 171 9.56 10.87 -14.69
N ARG A 172 8.88 10.93 -13.50
CA ARG A 172 8.43 12.19 -12.87
C ARG A 172 9.60 13.06 -12.42
N VAL A 173 10.60 12.45 -11.75
CA VAL A 173 11.83 13.12 -11.29
C VAL A 173 12.64 13.60 -12.51
N ILE A 174 12.73 12.77 -13.57
CA ILE A 174 13.49 13.13 -14.79
C ILE A 174 12.84 14.34 -15.48
N THR A 175 11.50 14.37 -15.52
CA THR A 175 10.73 15.50 -16.07
C THR A 175 10.98 16.77 -15.27
N THR A 176 11.17 16.63 -13.93
CA THR A 176 11.43 17.77 -13.06
C THR A 176 12.78 18.39 -13.43
N PHE A 177 13.79 17.55 -13.68
CA PHE A 177 15.12 18.01 -14.14
C PHE A 177 15.07 18.57 -15.56
N ALA A 178 14.27 17.95 -16.46
CA ALA A 178 14.16 18.37 -17.86
C ALA A 178 13.51 19.74 -18.03
N THR A 179 12.46 20.03 -17.23
CA THR A 179 11.65 21.25 -17.36
C THR A 179 11.89 22.32 -16.32
N GLY A 180 12.27 21.93 -15.11
CA GLY A 180 12.39 22.84 -13.98
C GLY A 180 11.01 23.29 -13.51
N THR A 181 9.97 22.49 -13.80
CA THR A 181 8.58 22.77 -13.43
C THR A 181 8.04 21.56 -12.63
N TRP A 182 6.86 21.74 -12.00
CA TRP A 182 6.15 20.71 -11.25
C TRP A 182 5.15 19.97 -12.13
N ASP A 183 5.19 20.20 -13.46
CA ASP A 183 4.27 19.65 -14.45
C ASP A 183 4.02 18.15 -14.34
N ALA A 184 5.06 17.32 -14.06
CA ALA A 184 4.86 15.85 -13.93
C ALA A 184 3.90 15.54 -12.75
N TYR A 185 4.02 16.25 -11.62
CA TYR A 185 3.18 16.04 -10.42
C TYR A 185 1.83 16.70 -10.60
N LYS A 186 1.84 17.93 -11.12
CA LYS A 186 0.62 18.68 -11.42
C LYS A 186 -0.25 17.91 -12.41
N ASN A 187 0.35 17.36 -13.50
CA ASN A 187 -0.43 16.64 -14.52
C ASN A 187 -0.94 15.27 -14.07
N LEU A 188 -0.25 14.58 -13.16
CA LEU A 188 -0.77 13.31 -12.65
C LEU A 188 -2.00 13.60 -11.75
N ARG A 189 -1.91 14.62 -10.90
CA ARG A 189 -2.97 15.06 -9.99
C ARG A 189 -4.19 15.48 -10.78
N LYS A 190 -3.97 16.21 -11.92
CA LYS A 190 -5.07 16.61 -12.79
C LYS A 190 -5.78 15.37 -13.34
N LYS A 191 -5.02 14.41 -13.91
CA LYS A 191 -5.58 13.18 -14.49
C LYS A 191 -6.38 12.37 -13.47
N LEU A 192 -5.81 12.15 -12.26
CA LEU A 192 -6.48 11.42 -11.18
C LEU A 192 -7.70 12.16 -10.62
N GLU A 193 -7.63 13.51 -10.52
CA GLU A 193 -8.74 14.33 -10.04
C GLU A 193 -9.92 14.32 -11.05
N GLN A 194 -9.62 14.37 -12.37
CA GLN A 194 -10.65 14.31 -13.42
C GLN A 194 -11.33 12.95 -13.39
N LEU A 195 -10.53 11.87 -13.24
CA LEU A 195 -11.01 10.50 -13.15
C LEU A 195 -11.86 10.30 -11.88
N TYR A 196 -11.43 10.89 -10.76
CA TYR A 196 -12.15 10.80 -9.48
C TYR A 196 -13.59 11.33 -9.59
N ASN A 197 -13.76 12.48 -10.26
CA ASN A 197 -15.03 13.19 -10.46
C ASN A 197 -16.13 12.34 -11.08
N ARG A 198 -15.75 11.33 -11.85
CA ARG A 198 -16.67 10.39 -12.51
C ARG A 198 -17.28 9.44 -11.46
N TYR A 199 -16.55 9.21 -10.35
CA TYR A 199 -16.99 8.27 -9.33
C TYR A 199 -17.47 8.90 -8.03
N LYS A 200 -17.11 10.17 -7.72
CA LYS A 200 -17.50 10.78 -6.45
C LYS A 200 -19.02 10.80 -6.21
N ASP A 201 -19.41 10.76 -4.94
CA ASP A 201 -20.79 10.78 -4.49
C ASP A 201 -21.36 12.20 -4.61
N PRO A 202 -22.52 12.40 -5.29
CA PRO A 202 -23.08 13.78 -5.39
C PRO A 202 -23.41 14.37 -4.01
N GLN A 203 -23.82 13.52 -3.05
CA GLN A 203 -24.15 13.91 -1.67
C GLN A 203 -22.89 14.11 -0.79
N ASP A 204 -21.70 13.65 -1.26
CA ASP A 204 -20.43 13.75 -0.54
C ASP A 204 -19.23 13.70 -1.50
N GLU A 205 -18.68 14.88 -1.80
CA GLU A 205 -17.52 15.09 -2.69
C GLU A 205 -16.25 14.36 -2.22
N ASN A 206 -16.09 14.14 -0.90
CA ASN A 206 -14.88 13.49 -0.38
C ASN A 206 -14.93 11.95 -0.40
N LYS A 207 -15.99 11.36 -0.97
CA LYS A 207 -16.02 9.91 -1.07
C LYS A 207 -16.66 9.42 -2.36
N ILE A 208 -16.43 8.16 -2.67
CA ILE A 208 -17.02 7.44 -3.79
C ILE A 208 -18.15 6.61 -3.16
N GLY A 209 -19.39 6.86 -3.56
CA GLY A 209 -20.55 6.15 -3.02
C GLY A 209 -20.87 4.86 -3.73
N ILE A 210 -22.05 4.29 -3.39
CA ILE A 210 -22.60 3.06 -3.95
C ILE A 210 -22.57 3.11 -5.48
N ASP A 211 -23.16 4.16 -6.06
CA ASP A 211 -23.23 4.39 -7.52
C ASP A 211 -21.84 4.48 -8.15
N GLY A 212 -20.94 5.20 -7.48
CA GLY A 212 -19.56 5.42 -7.92
C GLY A 212 -18.77 4.13 -7.97
N ILE A 213 -18.90 3.30 -6.91
CA ILE A 213 -18.21 2.01 -6.83
C ILE A 213 -18.75 1.11 -7.97
N GLN A 214 -20.09 1.11 -8.18
CA GLN A 214 -20.72 0.35 -9.26
C GLN A 214 -20.15 0.77 -10.62
N GLN A 215 -20.04 2.10 -10.87
CA GLN A 215 -19.47 2.68 -12.10
C GLN A 215 -18.02 2.27 -12.29
N PHE A 216 -17.21 2.35 -11.21
CA PHE A 216 -15.80 1.98 -11.25
C PHE A 216 -15.66 0.52 -11.70
N CYS A 217 -16.51 -0.38 -11.13
CA CYS A 217 -16.53 -1.80 -11.48
C CYS A 217 -17.01 -2.05 -12.89
N ASP A 218 -18.03 -1.29 -13.36
CA ASP A 218 -18.55 -1.36 -14.72
C ASP A 218 -17.47 -0.96 -15.71
N ASP A 219 -16.76 0.14 -15.42
CA ASP A 219 -15.64 0.64 -16.24
C ASP A 219 -14.52 -0.39 -16.40
N LEU A 220 -14.28 -1.19 -15.36
CA LEU A 220 -13.31 -2.27 -15.36
C LEU A 220 -13.86 -3.56 -15.99
N ALA A 221 -15.15 -3.57 -16.45
CA ALA A 221 -15.89 -4.74 -16.95
C ALA A 221 -15.84 -5.89 -15.92
N LEU A 222 -16.06 -5.55 -14.63
CA LEU A 222 -16.08 -6.53 -13.55
C LEU A 222 -17.31 -6.40 -12.71
N ASP A 223 -17.80 -7.52 -12.18
CA ASP A 223 -18.90 -7.55 -11.23
C ASP A 223 -18.38 -7.05 -9.86
N PRO A 224 -19.09 -6.12 -9.15
CA PRO A 224 -18.55 -5.63 -7.85
C PRO A 224 -18.37 -6.68 -6.75
N ALA A 225 -19.02 -7.86 -6.88
CA ALA A 225 -18.90 -8.93 -5.89
C ALA A 225 -17.90 -10.04 -6.35
N SER A 226 -17.14 -9.77 -7.41
CA SER A 226 -16.17 -10.73 -7.99
C SER A 226 -14.83 -10.75 -7.26
N ILE A 227 -14.11 -11.88 -7.44
CA ILE A 227 -12.78 -12.11 -6.88
C ILE A 227 -11.80 -11.05 -7.38
N SER A 228 -11.91 -10.65 -8.68
CA SER A 228 -11.00 -9.64 -9.25
C SER A 228 -11.10 -8.31 -8.52
N VAL A 229 -12.33 -7.90 -8.16
CA VAL A 229 -12.57 -6.65 -7.41
C VAL A 229 -12.01 -6.76 -5.98
N LEU A 230 -12.15 -7.95 -5.34
CA LEU A 230 -11.59 -8.17 -4.00
C LEU A 230 -10.02 -8.12 -4.07
N ILE A 231 -9.44 -8.62 -5.15
CA ILE A 231 -7.99 -8.55 -5.36
C ILE A 231 -7.57 -7.07 -5.49
N ILE A 232 -8.35 -6.27 -6.23
CA ILE A 232 -8.08 -4.82 -6.39
C ILE A 232 -8.13 -4.10 -5.01
N ALA A 233 -9.14 -4.44 -4.17
CA ALA A 233 -9.32 -3.84 -2.84
C ALA A 233 -8.10 -4.11 -1.96
N TRP A 234 -7.55 -5.34 -2.05
CA TRP A 234 -6.34 -5.77 -1.36
C TRP A 234 -5.17 -4.89 -1.81
N LYS A 235 -4.98 -4.72 -3.14
CA LYS A 235 -3.91 -3.89 -3.70
C LYS A 235 -4.06 -2.42 -3.32
N PHE A 236 -5.31 -1.91 -3.22
CA PHE A 236 -5.61 -0.54 -2.78
C PHE A 236 -5.53 -0.40 -1.27
N ARG A 237 -5.33 -1.52 -0.53
CA ARG A 237 -5.32 -1.55 0.94
C ARG A 237 -6.64 -0.94 1.44
N ALA A 238 -7.78 -1.14 0.72
CA ALA A 238 -9.06 -0.53 1.11
C ALA A 238 -9.51 -1.02 2.50
N ALA A 239 -10.10 -0.11 3.31
CA ALA A 239 -10.56 -0.42 4.66
C ALA A 239 -11.75 -1.36 4.74
N THR A 240 -12.82 -1.06 3.99
CA THR A 240 -14.10 -1.74 4.16
C THR A 240 -14.88 -1.88 2.89
N GLN A 241 -15.56 -3.02 2.73
CA GLN A 241 -16.42 -3.28 1.59
C GLN A 241 -17.54 -2.25 1.51
N CYS A 242 -17.90 -1.84 0.26
CA CYS A 242 -18.94 -0.85 -0.04
C CYS A 242 -18.59 0.58 0.39
N GLU A 243 -17.32 0.81 0.74
CA GLU A 243 -16.81 2.11 1.09
C GLU A 243 -15.52 2.33 0.32
N PHE A 244 -15.28 3.56 -0.14
CA PHE A 244 -14.12 3.90 -0.96
C PHE A 244 -13.88 5.40 -0.82
N SER A 245 -12.88 5.78 -0.01
CA SER A 245 -12.61 7.19 0.24
C SER A 245 -11.76 7.78 -0.90
N LYS A 246 -11.77 9.13 -1.06
CA LYS A 246 -10.94 9.84 -2.03
C LYS A 246 -9.44 9.52 -1.83
N GLN A 247 -8.96 9.53 -0.58
CA GLN A 247 -7.58 9.20 -0.24
C GLN A 247 -7.23 7.77 -0.67
N GLU A 248 -8.14 6.79 -0.48
CA GLU A 248 -7.93 5.41 -0.94
C GLU A 248 -7.74 5.35 -2.45
N PHE A 249 -8.62 6.03 -3.20
CA PHE A 249 -8.54 6.11 -4.66
C PHE A 249 -7.20 6.75 -5.09
N MET A 250 -6.89 7.95 -4.57
CA MET A 250 -5.67 8.71 -4.93
C MET A 250 -4.39 7.95 -4.66
N ASP A 251 -4.23 7.46 -3.42
CA ASP A 251 -3.06 6.74 -2.98
C ASP A 251 -2.90 5.42 -3.67
N GLY A 252 -4.02 4.71 -3.86
CA GLY A 252 -4.03 3.42 -4.54
C GLY A 252 -3.59 3.51 -5.98
N MET A 253 -4.23 4.42 -6.75
CA MET A 253 -3.90 4.62 -8.16
C MET A 253 -2.43 5.06 -8.36
N THR A 254 -1.92 5.97 -7.51
CA THR A 254 -0.52 6.45 -7.59
C THR A 254 0.48 5.33 -7.26
N GLU A 255 0.26 4.60 -6.14
CA GLU A 255 1.15 3.54 -5.72
C GLU A 255 1.20 2.40 -6.76
N LEU A 256 0.05 2.12 -7.42
CA LEU A 256 -0.01 1.11 -8.46
C LEU A 256 0.52 1.58 -9.81
N GLY A 257 0.79 2.90 -9.92
CA GLY A 257 1.29 3.54 -11.12
C GLY A 257 0.27 3.64 -12.22
N CYS A 258 -1.01 3.83 -11.86
CA CYS A 258 -2.14 3.89 -12.80
C CYS A 258 -2.74 5.28 -12.82
N ASP A 259 -3.06 5.79 -14.03
CA ASP A 259 -3.69 7.11 -14.19
C ASP A 259 -5.01 7.02 -14.96
N SER A 260 -5.48 5.78 -15.23
CA SER A 260 -6.71 5.49 -15.94
C SER A 260 -7.21 4.11 -15.56
N ILE A 261 -8.46 3.81 -15.92
CA ILE A 261 -9.11 2.51 -15.76
C ILE A 261 -8.38 1.46 -16.60
N GLU A 262 -7.98 1.81 -17.84
CA GLU A 262 -7.24 0.91 -18.74
C GLU A 262 -5.92 0.43 -18.11
N LYS A 263 -5.19 1.33 -17.44
CA LYS A 263 -3.92 1.00 -16.79
C LYS A 263 -4.13 0.06 -15.61
N LEU A 264 -5.20 0.30 -14.81
CA LEU A 264 -5.54 -0.55 -13.67
C LEU A 264 -6.01 -1.91 -14.18
N LYS A 265 -6.82 -1.91 -15.26
CA LYS A 265 -7.29 -3.15 -15.89
C LYS A 265 -6.08 -4.01 -16.30
N ALA A 266 -5.05 -3.39 -16.94
CA ALA A 266 -3.83 -4.10 -17.37
C ALA A 266 -2.95 -4.62 -16.22
N GLN A 267 -3.19 -4.19 -14.97
CA GLN A 267 -2.43 -4.65 -13.81
C GLN A 267 -3.02 -5.92 -13.15
N ILE A 268 -4.29 -6.24 -13.45
CA ILE A 268 -5.01 -7.38 -12.83
C ILE A 268 -4.25 -8.73 -13.02
N PRO A 269 -3.81 -9.18 -14.23
CA PRO A 269 -3.04 -10.43 -14.31
C PRO A 269 -1.80 -10.50 -13.40
N LYS A 270 -1.10 -9.38 -13.19
CA LYS A 270 0.09 -9.30 -12.31
C LYS A 270 -0.32 -9.59 -10.85
N MET A 271 -1.45 -9.00 -10.42
CA MET A 271 -2.01 -9.19 -9.07
C MET A 271 -2.42 -10.65 -8.90
N GLU A 272 -2.99 -11.26 -9.96
CA GLU A 272 -3.39 -12.67 -9.95
C GLU A 272 -2.20 -13.60 -9.77
N GLN A 273 -1.10 -13.31 -10.50
CA GLN A 273 0.13 -14.09 -10.44
C GLN A 273 0.74 -14.10 -9.03
N GLU A 274 0.75 -12.94 -8.34
CA GLU A 274 1.26 -12.77 -6.96
C GLU A 274 0.62 -13.76 -6.01
N LEU A 275 -0.69 -13.98 -6.16
CA LEU A 275 -1.48 -14.86 -5.29
C LEU A 275 -1.19 -16.34 -5.45
N LYS A 276 -0.38 -16.72 -6.46
CA LYS A 276 0.08 -18.10 -6.64
C LYS A 276 1.23 -18.37 -5.66
N GLU A 277 1.80 -17.31 -5.06
CA GLU A 277 2.85 -17.46 -4.06
C GLU A 277 2.13 -17.48 -2.70
N PRO A 278 2.35 -18.51 -1.85
CA PRO A 278 1.60 -18.63 -0.58
C PRO A 278 1.70 -17.47 0.41
N GLY A 279 2.84 -16.80 0.49
CA GLY A 279 3.04 -15.65 1.38
C GLY A 279 2.09 -14.52 0.99
N ARG A 280 2.04 -14.19 -0.31
CA ARG A 280 1.10 -13.19 -0.83
C ARG A 280 -0.34 -13.66 -0.63
N PHE A 281 -0.64 -14.93 -0.93
CA PHE A 281 -2.01 -15.42 -0.74
C PHE A 281 -2.48 -15.30 0.73
N LYS A 282 -1.60 -15.65 1.68
CA LYS A 282 -1.89 -15.58 3.12
C LYS A 282 -2.25 -14.14 3.53
N ASP A 283 -1.47 -13.18 3.03
CA ASP A 283 -1.65 -11.75 3.25
C ASP A 283 -3.02 -11.32 2.70
N PHE A 284 -3.36 -11.73 1.47
CA PHE A 284 -4.63 -11.40 0.83
C PHE A 284 -5.80 -12.04 1.60
N TYR A 285 -5.63 -13.32 1.97
CA TYR A 285 -6.64 -14.08 2.72
C TYR A 285 -6.96 -13.41 4.07
N GLN A 286 -5.95 -13.02 4.83
CA GLN A 286 -6.16 -12.36 6.14
C GLN A 286 -6.74 -10.96 5.98
N PHE A 287 -6.31 -10.23 4.93
CA PHE A 287 -6.83 -8.89 4.60
C PHE A 287 -8.35 -9.00 4.38
N THR A 288 -8.81 -10.09 3.71
CA THR A 288 -10.23 -10.28 3.33
C THR A 288 -11.12 -10.14 4.55
N PHE A 289 -10.75 -10.78 5.68
CA PHE A 289 -11.52 -10.71 6.94
C PHE A 289 -11.76 -9.25 7.38
N ASN A 290 -10.67 -8.44 7.45
CA ASN A 290 -10.71 -7.03 7.88
C ASN A 290 -11.54 -6.16 6.95
N PHE A 291 -11.44 -6.43 5.66
CA PHE A 291 -12.19 -5.70 4.63
C PHE A 291 -13.66 -6.06 4.64
N ALA A 292 -13.97 -7.36 4.85
CA ALA A 292 -15.35 -7.89 4.83
C ALA A 292 -16.22 -7.45 5.99
N LYS A 293 -15.61 -7.26 7.17
CA LYS A 293 -16.37 -6.99 8.41
C LYS A 293 -16.96 -5.58 8.46
N ASN A 294 -17.97 -5.42 9.31
CA ASN A 294 -18.64 -4.14 9.51
C ASN A 294 -17.76 -3.29 10.42
N PRO A 295 -17.60 -1.97 10.14
CA PRO A 295 -16.84 -1.11 11.08
C PRO A 295 -17.54 -1.13 12.45
N GLY A 296 -16.74 -1.16 13.52
CA GLY A 296 -17.26 -1.17 14.90
C GLY A 296 -17.47 -2.56 15.48
N GLN A 297 -17.37 -3.58 14.61
CA GLN A 297 -17.55 -5.00 14.94
C GLN A 297 -16.18 -5.67 14.86
N LYS A 298 -15.83 -6.54 15.82
CA LYS A 298 -14.53 -7.22 15.84
C LYS A 298 -14.58 -8.54 15.04
N GLY A 299 -15.75 -9.19 15.03
CA GLY A 299 -15.99 -10.42 14.30
C GLY A 299 -16.72 -10.21 12.98
N LEU A 300 -16.80 -11.29 12.17
CA LEU A 300 -17.47 -11.27 10.86
C LEU A 300 -18.72 -12.12 10.98
N ASP A 301 -19.90 -11.55 10.62
CA ASP A 301 -21.19 -12.28 10.66
C ASP A 301 -21.08 -13.50 9.76
N LEU A 302 -21.67 -14.64 10.18
CA LEU A 302 -21.57 -15.91 9.49
C LEU A 302 -21.87 -15.88 7.98
N GLU A 303 -23.03 -15.32 7.58
CA GLU A 303 -23.43 -15.28 6.17
C GLU A 303 -22.37 -14.57 5.33
N MET A 304 -21.82 -13.47 5.87
CA MET A 304 -20.76 -12.71 5.20
C MET A 304 -19.47 -13.52 5.10
N ALA A 305 -19.11 -14.22 6.18
CA ALA A 305 -17.89 -15.04 6.25
C ALA A 305 -17.96 -16.18 5.21
N ILE A 306 -19.15 -16.80 5.08
CA ILE A 306 -19.39 -17.85 4.08
C ILE A 306 -19.29 -17.29 2.64
N ALA A 307 -19.89 -16.12 2.40
CA ALA A 307 -19.84 -15.48 1.07
C ALA A 307 -18.39 -15.15 0.63
N TYR A 308 -17.56 -14.64 1.54
CA TYR A 308 -16.16 -14.34 1.25
C TYR A 308 -15.30 -15.61 1.17
N TRP A 309 -15.59 -16.63 2.02
CA TRP A 309 -14.90 -17.93 1.96
C TRP A 309 -15.13 -18.59 0.62
N ASN A 310 -16.36 -18.50 0.08
CA ASN A 310 -16.62 -19.06 -1.24
C ASN A 310 -15.79 -18.34 -2.32
N LEU A 311 -15.48 -17.04 -2.14
CA LEU A 311 -14.59 -16.35 -3.08
C LEU A 311 -13.11 -16.73 -2.93
N VAL A 312 -12.57 -16.66 -1.72
CA VAL A 312 -11.12 -16.83 -1.50
C VAL A 312 -10.66 -18.30 -1.33
N LEU A 313 -11.52 -19.19 -0.87
CA LEU A 313 -11.15 -20.60 -0.69
C LEU A 313 -11.67 -21.51 -1.80
N ASN A 314 -12.32 -20.91 -2.82
CA ASN A 314 -12.78 -21.65 -4.01
C ASN A 314 -11.55 -22.33 -4.66
N GLY A 315 -11.58 -23.67 -4.79
CA GLY A 315 -10.50 -24.44 -5.39
C GLY A 315 -9.28 -24.65 -4.50
N ARG A 316 -9.39 -24.34 -3.19
CA ARG A 316 -8.28 -24.50 -2.23
C ARG A 316 -8.69 -25.33 -1.04
N PHE A 317 -9.98 -25.59 -0.87
CA PHE A 317 -10.49 -26.31 0.32
C PHE A 317 -11.55 -27.32 -0.11
N LYS A 318 -11.17 -28.61 -0.06
CA LYS A 318 -12.02 -29.75 -0.41
C LYS A 318 -13.33 -29.79 0.37
N PHE A 319 -13.31 -29.38 1.67
CA PHE A 319 -14.45 -29.45 2.56
C PHE A 319 -15.23 -28.14 2.70
N LEU A 320 -15.02 -27.19 1.79
CA LEU A 320 -15.68 -25.88 1.84
C LEU A 320 -17.22 -25.92 1.96
N ASP A 321 -17.92 -26.69 1.11
CA ASP A 321 -19.40 -26.77 1.20
C ASP A 321 -19.88 -27.42 2.50
N LEU A 322 -19.25 -28.55 2.89
CA LEU A 322 -19.58 -29.26 4.14
C LEU A 322 -19.30 -28.33 5.36
N TRP A 323 -18.22 -27.51 5.28
CA TRP A 323 -17.88 -26.51 6.31
C TRP A 323 -19.01 -25.48 6.41
N ASN A 324 -19.45 -24.92 5.26
CA ASN A 324 -20.56 -23.95 5.25
C ASN A 324 -21.83 -24.58 5.86
N LYS A 325 -22.20 -25.82 5.42
CA LYS A 325 -23.38 -26.51 5.97
C LYS A 325 -23.27 -26.67 7.48
N PHE A 326 -22.08 -27.10 7.97
CA PHE A 326 -21.81 -27.27 9.39
C PHE A 326 -22.08 -25.99 10.15
N LEU A 327 -21.55 -24.86 9.67
CA LEU A 327 -21.70 -23.58 10.35
C LEU A 327 -23.13 -23.08 10.39
N LEU A 328 -23.84 -23.14 9.25
CA LEU A 328 -25.23 -22.72 9.13
C LEU A 328 -26.18 -23.55 10.02
N GLU A 329 -25.79 -24.78 10.36
CA GLU A 329 -26.62 -25.68 11.16
C GLU A 329 -26.16 -25.89 12.61
N HIS A 330 -24.86 -25.73 12.91
CA HIS A 330 -24.37 -25.98 14.27
C HIS A 330 -23.68 -24.81 14.95
N HIS A 331 -23.18 -23.82 14.17
CA HIS A 331 -22.54 -22.63 14.73
C HIS A 331 -23.52 -21.48 14.82
N LYS A 332 -24.05 -21.03 13.66
CA LYS A 332 -25.05 -19.95 13.50
C LYS A 332 -24.67 -18.65 14.25
N ARG A 333 -23.35 -18.40 14.38
CA ARG A 333 -22.81 -17.23 15.07
C ARG A 333 -21.62 -16.64 14.31
N SER A 334 -21.19 -15.42 14.73
CA SER A 334 -20.05 -14.65 14.20
C SER A 334 -18.74 -15.48 14.18
N ILE A 335 -17.82 -15.10 13.29
CA ILE A 335 -16.53 -15.77 13.08
C ILE A 335 -15.41 -14.86 13.58
N PRO A 336 -14.63 -15.30 14.59
CA PRO A 336 -13.53 -14.46 15.08
C PRO A 336 -12.33 -14.53 14.12
N LYS A 337 -11.47 -13.48 14.13
CA LYS A 337 -10.31 -13.35 13.25
C LYS A 337 -9.36 -14.55 13.31
N ASP A 338 -9.06 -15.03 14.52
CA ASP A 338 -8.13 -16.15 14.69
C ASP A 338 -8.64 -17.39 14.01
N THR A 339 -9.96 -17.65 14.13
CA THR A 339 -10.60 -18.80 13.48
C THR A 339 -10.51 -18.64 11.96
N TRP A 340 -10.81 -17.42 11.45
CA TRP A 340 -10.72 -17.15 10.02
C TRP A 340 -9.30 -17.48 9.57
N ASN A 341 -8.27 -16.89 10.24
CA ASN A 341 -6.87 -17.11 9.87
C ASN A 341 -6.47 -18.58 9.86
N LEU A 342 -6.87 -19.32 10.90
CA LEU A 342 -6.49 -20.72 11.07
C LEU A 342 -7.18 -21.63 10.10
N LEU A 343 -8.35 -21.23 9.55
CA LEU A 343 -9.01 -22.08 8.55
C LEU A 343 -8.13 -22.32 7.32
N LEU A 344 -7.29 -21.33 6.92
CA LEU A 344 -6.38 -21.51 5.79
C LEU A 344 -5.35 -22.63 6.07
N ASP A 345 -4.75 -22.63 7.28
CA ASP A 345 -3.81 -23.67 7.68
C ASP A 345 -4.52 -25.02 7.73
N PHE A 346 -5.81 -25.04 8.16
CA PHE A 346 -6.57 -26.29 8.20
C PHE A 346 -6.74 -26.86 6.80
N SER A 347 -7.21 -26.00 5.86
CA SER A 347 -7.46 -26.38 4.47
C SER A 347 -6.23 -26.96 3.78
N THR A 348 -5.07 -26.37 4.05
CA THR A 348 -3.80 -26.80 3.44
C THR A 348 -3.36 -28.17 3.95
N MET A 349 -3.41 -28.42 5.26
CA MET A 349 -2.88 -29.69 5.83
C MET A 349 -3.86 -30.87 5.83
N ILE A 350 -5.19 -30.62 5.84
CA ILE A 350 -6.19 -31.68 6.00
C ILE A 350 -6.19 -32.74 4.87
N ALA A 351 -6.10 -34.04 5.26
CA ALA A 351 -6.18 -35.16 4.33
C ALA A 351 -7.60 -35.27 3.81
N ASP A 352 -7.80 -35.85 2.62
CA ASP A 352 -9.13 -36.03 2.06
C ASP A 352 -10.05 -36.91 2.96
N ASP A 353 -9.46 -37.78 3.83
CA ASP A 353 -10.22 -38.61 4.76
C ASP A 353 -10.17 -38.07 6.21
N MET A 354 -9.43 -36.96 6.44
CA MET A 354 -9.27 -36.31 7.74
C MET A 354 -8.49 -37.16 8.77
N SER A 355 -7.85 -38.28 8.32
CA SER A 355 -7.10 -39.21 9.19
C SER A 355 -5.90 -38.58 9.89
N ASN A 356 -5.35 -37.48 9.34
CA ASN A 356 -4.20 -36.80 9.93
C ASN A 356 -4.58 -35.69 10.93
N TYR A 357 -5.89 -35.47 11.16
CA TYR A 357 -6.34 -34.42 12.09
C TYR A 357 -5.98 -34.73 13.55
N ASP A 358 -5.27 -33.78 14.18
CA ASP A 358 -4.83 -33.89 15.56
C ASP A 358 -5.91 -33.31 16.49
N GLU A 359 -6.84 -34.19 16.93
CA GLU A 359 -7.95 -33.86 17.84
C GLU A 359 -7.43 -33.38 19.20
N GLU A 360 -6.26 -33.91 19.60
CA GLU A 360 -5.55 -33.57 20.84
C GLU A 360 -4.62 -32.35 20.61
N GLY A 361 -4.72 -31.74 19.42
CA GLY A 361 -3.95 -30.57 19.01
C GLY A 361 -4.53 -29.24 19.47
N ALA A 362 -4.10 -28.15 18.79
CA ALA A 362 -4.44 -26.77 19.16
C ALA A 362 -5.35 -26.00 18.23
N TRP A 363 -6.17 -26.68 17.42
CA TRP A 363 -7.09 -25.99 16.52
C TRP A 363 -8.25 -25.33 17.30
N PRO A 364 -8.93 -24.28 16.79
CA PRO A 364 -10.12 -23.78 17.49
C PRO A 364 -11.13 -24.91 17.70
N VAL A 365 -11.89 -24.87 18.81
CA VAL A 365 -12.94 -25.84 19.15
C VAL A 365 -13.89 -26.01 17.95
N LEU A 366 -14.22 -24.90 17.27
CA LEU A 366 -15.07 -24.88 16.07
C LEU A 366 -14.54 -25.83 14.96
N ILE A 367 -13.22 -25.92 14.79
CA ILE A 367 -12.64 -26.83 13.77
C ILE A 367 -12.66 -28.29 14.30
N ASP A 368 -12.44 -28.50 15.62
CA ASP A 368 -12.54 -29.83 16.23
C ASP A 368 -13.97 -30.38 16.05
N ASP A 369 -14.98 -29.51 16.27
CA ASP A 369 -16.40 -29.83 16.14
C ASP A 369 -16.73 -30.13 14.69
N PHE A 370 -16.11 -29.38 13.73
CA PHE A 370 -16.32 -29.62 12.28
C PHE A 370 -15.83 -31.00 11.89
N VAL A 371 -14.60 -31.37 12.30
CA VAL A 371 -14.01 -32.69 12.01
C VAL A 371 -14.90 -33.81 12.61
N GLU A 372 -15.38 -33.63 13.87
CA GLU A 372 -16.30 -34.58 14.53
C GLU A 372 -17.58 -34.72 13.68
N PHE A 373 -18.18 -33.60 13.24
CA PHE A 373 -19.36 -33.59 12.37
C PHE A 373 -19.12 -34.22 10.98
N ALA A 374 -17.99 -33.92 10.34
CA ALA A 374 -17.65 -34.36 8.99
C ALA A 374 -17.20 -35.82 8.84
N ARG A 375 -16.35 -36.33 9.76
CA ARG A 375 -15.80 -37.70 9.75
C ARG A 375 -16.81 -38.83 9.43
N PRO A 376 -18.01 -38.95 10.10
CA PRO A 376 -18.94 -40.05 9.73
C PRO A 376 -19.51 -39.94 8.31
N GLN A 377 -19.51 -38.74 7.73
CA GLN A 377 -19.98 -38.45 6.37
C GLN A 377 -18.89 -38.71 5.30
N ILE A 378 -17.77 -39.38 5.70
CA ILE A 378 -16.60 -39.71 4.87
C ILE A 378 -15.91 -38.43 4.35
O2 H9P B . -20.63 -6.10 -2.88
C13 H9P B . -19.74 -6.08 -2.02
C9 H9P B . -18.39 -5.32 -2.24
N1 H9P B . -17.48 -6.18 -3.04
C10 H9P B . -16.46 -6.96 -2.47
O H9P B . -16.28 -7.04 -1.27
C11 H9P B . -15.56 -7.70 -3.44
C12 H9P B . -15.86 -9.19 -3.30
C8 H9P B . -18.65 -4.01 -3.01
C7 H9P B . -17.39 -3.21 -3.13
S H9P B . -16.55 -3.26 -4.66
C5 H9P B . -15.34 -2.25 -4.01
C4 H9P B . -14.19 -1.76 -4.64
N H9P B . -16.83 -2.50 -2.19
C6 H9P B . -15.64 -1.92 -2.68
C29 H9P B . -14.81 -1.08 -1.94
C30 H9P B . -13.66 -0.56 -2.57
C3 H9P B . -13.35 -0.89 -3.92
C1 H9P B . -12.14 -0.23 -4.55
C2 H9P B . -10.83 -0.89 -4.18
C H9P B . -12.22 -0.12 -6.08
N2 H9P B . -19.88 -6.76 -0.82
C14 H9P B . -21.08 -7.57 -0.52
C23 H9P B . -20.93 -9.02 -1.11
C28 H9P B . -19.48 -9.44 -1.41
C27 H9P B . -19.41 -10.81 -2.11
C26 H9P B . -20.12 -11.83 -1.25
C25 H9P B . -21.59 -11.42 -1.13
C24 H9P B . -21.65 -10.13 -0.31
C15 H9P B . -21.36 -7.47 1.01
N3 H9P B . -21.59 -6.07 1.46
C16 H9P B . -22.57 -5.22 0.96
O1 H9P B . -23.35 -5.59 0.12
C17 H9P B . -22.65 -3.79 1.55
C22 H9P B . -22.67 -2.78 0.39
C18 H9P B . -23.97 -3.68 2.38
N4 H9P B . -23.80 -4.40 3.66
C21 H9P B . -22.98 -4.02 4.74
N5 H9P B . -23.06 -4.95 5.74
C20 H9P B . -23.95 -5.94 5.28
C19 H9P B . -24.43 -5.62 4.01
H H9P B . -17.97 -5.10 -1.26
H12 H9P B . -17.55 -6.10 -4.04
H13 H9P B . -15.64 -7.38 -4.47
H14 H9P B . -14.52 -7.51 -3.18
H16 H9P B . -16.90 -9.41 -3.52
H15 H9P B . -15.67 -9.56 -2.30
H17 H9P B . -15.26 -9.78 -3.98
H10 H9P B . -19.42 -3.39 -2.55
H11 H9P B . -19.03 -4.25 -4.00
H9 H9P B . -13.98 -2.06 -5.67
H42 H9P B . -15.04 -0.87 -0.90
H43 H9P B . -13.01 0.10 -1.99
H5 H9P B . -12.10 0.79 -4.16
H7 H9P B . -10.68 -1.83 -4.69
H6 H9P B . -10.77 -1.09 -3.11
H8 H9P B . -9.98 -0.25 -4.43
H2 H9P B . -12.05 -1.08 -6.57
H4 H9P B . -11.45 0.55 -6.46
H3 H9P B . -13.18 0.26 -6.44
H18 H9P B . -19.15 -6.72 -0.12
H1 H9P B . -21.93 -7.13 -1.04
H31 H9P B . -21.43 -8.96 -2.08
H40 H9P B . -18.90 -9.49 -0.49
H41 H9P B . -18.94 -8.74 -2.04
H38 H9P B . -19.86 -10.77 -3.10
H39 H9P B . -18.38 -11.10 -2.26
H36 H9P B . -20.02 -12.83 -1.68
H37 H9P B . -19.64 -11.88 -0.28
H34 H9P B . -22.03 -11.28 -2.11
H35 H9P B . -22.17 -12.21 -0.66
H32 H9P B . -21.19 -10.29 0.66
H33 H9P B . -22.69 -9.87 -0.11
H19 H9P B . -22.24 -8.04 1.31
H20 H9P B . -20.53 -7.93 1.55
H21 H9P B . -21.03 -5.76 2.25
H22 H9P B . -21.80 -3.55 2.19
H29 H9P B . -23.40 -3.03 -0.38
H28 H9P B . -22.95 -1.79 0.74
H23 H9P B . -24.22 -2.64 2.58
H24 H9P B . -24.82 -4.10 1.82
H27 H9P B . -22.38 -3.12 4.77
H26 H9P B . -24.20 -6.80 5.89
H25 H9P B . -25.12 -6.15 3.35
#